data_5SB2
#
_entry.id   5SB2
#
_cell.length_a   61.160
_cell.length_b   68.462
_cell.length_c   75.697
_cell.angle_alpha   90.000
_cell.angle_beta   90.000
_cell.angle_gamma   90.000
#
_symmetry.space_group_name_H-M   'P 21 21 21'
#
loop_
_entity.id
_entity.type
_entity.pdbx_description
1 polymer 'Epithelial discoidin domain-containing receptor 1'
2 non-polymer 'IODIDE ION'
3 non-polymer 3-chloro-N-[(1R,2S)-2-phenylcyclopropyl]-5-{[(1H-pyrrolo[2,3-b]pyridin-5-yl)oxy]methyl}benzamide
4 water water
#
_entity_poly.entity_id   1
_entity_poly.type   'polypeptide(L)'
_entity_poly.pdbx_seq_one_letter_code
;PGAVGDGPPRVDFPRSRLRFKEKLGEGQFGEVHLCEVDSPQDLVSLDFPLNVRKGHPLLVAVKILRPDATKNARNDFLKE
VKIMSRLKDPNIIRLLGVCVQDDPLCMITDYMENGDLNQFLSAHQLEDKAAEGAPGDPTISYPMLLHVAAQIASGMRYLA
TLNFVHRDLATRNCLVGENFTIKIADFGMSRNLYAGDYYRVQGRAVLPIRWMAWECILMGKFTTASDVWAFGVTLWEVLM
LCRAQPFGQLTDEQVIENAGEFFRDQGRQVYLSRPPACPQGLYELMLRCWSRESEQRPPFSQLHRFLAEDALNTVHHHHH
H
;
_entity_poly.pdbx_strand_id   A
#
loop_
_chem_comp.id
_chem_comp.type
_chem_comp.name
_chem_comp.formula
1K2 non-polymer 3-chloro-N-[(1R,2S)-2-phenylcyclopropyl]-5-{[(1H-pyrrolo[2,3-b]pyridin-5-yl)oxy]methyl}benzamide 'C24 H20 Cl N3 O2'
IOD non-polymer 'IODIDE ION' 'I -1'
#
# COMPACT_ATOMS: atom_id res chain seq x y z
N VAL A 11 2.64 28.44 7.06
CA VAL A 11 3.72 28.32 8.04
C VAL A 11 3.60 26.94 8.69
N ASP A 12 4.56 26.59 9.54
CA ASP A 12 4.74 25.21 9.98
C ASP A 12 4.47 24.93 11.46
N PHE A 13 4.81 23.70 11.87
CA PHE A 13 4.51 23.18 13.19
C PHE A 13 5.77 23.08 14.05
N PRO A 14 5.70 23.54 15.33
CA PRO A 14 6.85 23.52 16.24
C PRO A 14 7.19 22.11 16.73
N ARG A 15 8.36 21.60 16.37
CA ARG A 15 8.73 20.22 16.69
C ARG A 15 9.09 20.03 18.16
N SER A 16 9.43 21.13 18.83
CA SER A 16 9.69 21.09 20.27
C SER A 16 8.56 20.36 21.01
N ARG A 17 7.35 20.45 20.46
CA ARG A 17 6.17 19.86 21.06
C ARG A 17 6.05 18.35 20.82
N LEU A 18 7.04 17.77 20.15
CA LEU A 18 6.96 16.34 19.84
C LEU A 18 7.69 15.49 20.88
N ARG A 19 7.03 14.40 21.30
CA ARG A 19 7.66 13.40 22.15
C ARG A 19 7.75 12.07 21.41
N PHE A 20 8.94 11.72 20.95
CA PHE A 20 9.16 10.49 20.19
C PHE A 20 9.00 9.24 21.05
N LYS A 21 8.26 8.27 20.54
CA LYS A 21 7.81 7.14 21.35
C LYS A 21 8.14 5.74 20.80
N GLU A 22 8.25 5.62 19.48
CA GLU A 22 8.37 4.29 18.87
C GLU A 22 8.63 4.41 17.37
N LYS A 23 9.46 3.51 16.83
CA LYS A 23 9.74 3.51 15.39
C LYS A 23 8.68 2.68 14.66
N LEU A 24 8.10 3.26 13.60
CA LEU A 24 7.00 2.61 12.88
C LEU A 24 7.40 2.12 11.48
N GLY A 25 8.46 2.70 10.94
CA GLY A 25 8.88 2.38 9.59
C GLY A 25 10.19 3.02 9.25
N GLU A 26 10.80 2.57 8.17
CA GLU A 26 12.16 2.95 7.82
C GLU A 26 12.35 2.77 6.32
N GLY A 27 12.92 3.77 5.66
CA GLY A 27 13.03 3.74 4.21
C GLY A 27 14.40 4.13 3.71
N GLN A 28 14.46 4.60 2.48
CA GLN A 28 15.73 4.97 1.87
C GLN A 28 16.33 6.21 2.50
N PHE A 29 15.50 7.25 2.68
CA PHE A 29 16.00 8.52 3.21
C PHE A 29 15.38 8.88 4.57
N GLY A 30 14.21 8.32 4.89
CA GLY A 30 13.51 8.68 6.11
C GLY A 30 13.15 7.54 7.05
N GLU A 31 12.60 7.89 8.20
CA GLU A 31 12.03 6.90 9.11
C GLU A 31 10.84 7.53 9.82
N VAL A 32 9.88 6.70 10.23
CA VAL A 32 8.64 7.20 10.82
C VAL A 32 8.58 6.80 12.30
N HIS A 33 8.23 7.76 13.15
CA HIS A 33 8.10 7.51 14.58
C HIS A 33 6.70 7.81 15.06
N LEU A 34 6.22 7.02 16.01
CA LEU A 34 5.02 7.38 16.74
C LEU A 34 5.38 8.50 17.70
N CYS A 35 4.63 9.59 17.67
CA CYS A 35 4.92 10.71 18.56
C CYS A 35 3.71 11.15 19.36
N GLU A 36 4.02 11.71 20.52
CA GLU A 36 3.03 12.27 21.41
C GLU A 36 3.10 13.79 21.35
N VAL A 37 1.96 14.45 21.21
CA VAL A 37 1.94 15.91 21.16
C VAL A 37 1.37 16.44 22.47
N ASP A 38 2.18 17.22 23.19
CA ASP A 38 1.75 17.75 24.48
C ASP A 38 0.75 18.89 24.29
N SER A 39 -0.51 18.61 24.62
CA SER A 39 -1.59 19.59 24.54
C SER A 39 -1.64 20.27 23.17
N VAL A 52 -10.14 15.44 21.21
CA VAL A 52 -8.80 15.57 21.80
C VAL A 52 -8.88 15.96 23.28
N ARG A 53 -9.30 15.01 24.12
CA ARG A 53 -9.59 15.26 25.54
C ARG A 53 -8.35 15.65 26.37
N LYS A 54 -8.61 16.31 27.50
CA LYS A 54 -7.55 16.87 28.35
C LYS A 54 -6.69 15.78 28.98
N GLY A 55 -7.29 14.64 29.26
CA GLY A 55 -6.54 13.52 29.83
C GLY A 55 -5.53 12.98 28.82
N HIS A 56 -6.01 12.64 27.64
CA HIS A 56 -5.23 11.91 26.66
C HIS A 56 -4.34 12.82 25.81
N PRO A 57 -3.14 12.34 25.47
CA PRO A 57 -2.26 13.06 24.56
C PRO A 57 -2.66 12.84 23.11
N LEU A 58 -2.21 13.72 22.23
CA LEU A 58 -2.45 13.54 20.81
C LEU A 58 -1.33 12.70 20.21
N LEU A 59 -1.70 11.59 19.56
CA LEU A 59 -0.72 10.75 18.90
C LEU A 59 -0.67 11.05 17.42
N VAL A 60 0.54 11.21 16.88
CA VAL A 60 0.73 11.43 15.45
C VAL A 60 1.87 10.54 14.99
N ALA A 61 1.98 10.39 13.67
CA ALA A 61 3.11 9.71 13.08
C ALA A 61 3.99 10.76 12.42
N VAL A 62 5.30 10.66 12.62
CA VAL A 62 6.20 11.70 12.15
C VAL A 62 7.34 11.10 11.36
N LYS A 63 7.50 11.54 10.12
CA LYS A 63 8.62 11.08 9.31
C LYS A 63 9.75 12.07 9.42
N ILE A 64 10.94 11.55 9.74
CA ILE A 64 12.14 12.37 9.88
C ILE A 64 13.24 11.77 9.02
N LEU A 65 14.35 12.50 8.84
CA LEU A 65 15.48 11.96 8.09
C LEU A 65 16.13 10.81 8.84
N ARG A 66 16.63 9.81 8.11
CA ARG A 66 17.47 8.77 8.70
C ARG A 66 18.76 9.35 9.27
N PRO A 67 19.34 8.69 10.28
CA PRO A 67 20.60 9.16 10.86
C PRO A 67 21.74 9.27 9.85
N ASP A 68 21.71 8.43 8.82
CA ASP A 68 22.74 8.47 7.78
C ASP A 68 22.36 9.40 6.62
N ALA A 69 21.40 10.29 6.83
CA ALA A 69 20.91 11.15 5.76
C ALA A 69 21.96 12.15 5.28
N THR A 70 21.82 12.57 4.03
CA THR A 70 22.69 13.59 3.45
C THR A 70 21.90 14.65 2.70
N LYS A 71 22.61 15.46 1.91
CA LYS A 71 21.98 16.44 1.04
C LYS A 71 20.94 15.79 0.14
N ASN A 72 21.28 14.62 -0.38
CA ASN A 72 20.38 13.90 -1.26
C ASN A 72 19.08 13.60 -0.52
N ALA A 73 19.20 13.19 0.74
CA ALA A 73 18.03 12.80 1.51
C ALA A 73 17.09 13.98 1.71
N ARG A 74 17.67 15.15 1.99
CA ARG A 74 16.88 16.36 2.19
C ARG A 74 16.06 16.69 0.95
N ASN A 75 16.68 16.55 -0.22
CA ASN A 75 16.02 16.82 -1.49
C ASN A 75 14.83 15.88 -1.68
N ASP A 76 15.04 14.59 -1.41
CA ASP A 76 13.98 13.64 -1.59
C ASP A 76 12.85 13.90 -0.59
N PHE A 77 13.22 14.32 0.61
CA PHE A 77 12.25 14.70 1.63
C PHE A 77 11.40 15.90 1.17
N LEU A 78 12.05 16.94 0.65
CA LEU A 78 11.32 18.09 0.13
C LEU A 78 10.35 17.73 -0.99
N LYS A 79 10.74 16.81 -1.87
CA LYS A 79 9.82 16.39 -2.91
C LYS A 79 8.66 15.59 -2.34
N GLU A 80 8.90 14.74 -1.34
CA GLU A 80 7.79 13.98 -0.76
C GLU A 80 6.76 14.92 -0.13
N VAL A 81 7.22 16.01 0.47
CA VAL A 81 6.31 17.01 1.02
C VAL A 81 5.42 17.58 -0.08
N LYS A 82 6.01 17.89 -1.23
CA LYS A 82 5.24 18.40 -2.35
C LYS A 82 4.16 17.47 -2.82
N ILE A 83 4.50 16.19 -2.93
CA ILE A 83 3.55 15.17 -3.31
C ILE A 83 2.44 15.04 -2.27
N MET A 84 2.82 14.93 -1.01
CA MET A 84 1.85 14.70 0.06
C MET A 84 0.86 15.84 0.24
N SER A 85 1.33 17.06 0.02
CA SER A 85 0.48 18.24 0.22
C SER A 85 -0.71 18.23 -0.75
N ARG A 86 -0.62 17.44 -1.80
CA ARG A 86 -1.67 17.29 -2.80
CA ARG A 86 -1.68 17.32 -2.79
C ARG A 86 -2.77 16.31 -2.39
N LEU A 87 -2.43 15.38 -1.53
CA LEU A 87 -3.32 14.24 -1.30
C LEU A 87 -4.40 14.53 -0.28
N LYS A 88 -5.62 14.67 -0.77
CA LYS A 88 -6.74 15.00 0.07
C LYS A 88 -7.91 14.10 -0.28
N ASP A 89 -7.93 12.95 0.38
CA ASP A 89 -8.97 11.97 0.20
C ASP A 89 -9.07 11.12 1.47
N PRO A 90 -10.29 10.74 1.82
CA PRO A 90 -10.58 9.94 3.03
C PRO A 90 -9.79 8.63 3.11
N ASN A 91 -9.39 8.07 1.98
CA ASN A 91 -8.68 6.80 2.00
C ASN A 91 -7.23 6.92 1.54
N ILE A 92 -6.68 8.14 1.63
CA ILE A 92 -5.26 8.39 1.39
C ILE A 92 -4.73 9.12 2.62
N ILE A 93 -3.52 8.81 3.06
CA ILE A 93 -3.00 9.52 4.23
C ILE A 93 -2.85 11.00 3.93
N ARG A 94 -3.00 11.81 4.97
CA ARG A 94 -2.98 13.25 4.77
C ARG A 94 -1.83 13.90 5.53
N LEU A 95 -1.35 15.00 4.99
CA LEU A 95 -0.30 15.77 5.63
C LEU A 95 -0.91 16.73 6.62
N LEU A 96 -0.69 16.47 7.91
CA LEU A 96 -1.23 17.34 8.94
C LEU A 96 -0.36 18.59 9.13
N GLY A 97 0.93 18.43 8.88
CA GLY A 97 1.85 19.55 9.01
C GLY A 97 3.28 19.17 8.74
N VAL A 98 4.15 20.17 8.75
CA VAL A 98 5.58 19.99 8.56
C VAL A 98 6.27 20.77 9.67
N CYS A 99 7.54 20.47 9.93
CA CYS A 99 8.23 21.11 11.05
C CYS A 99 8.62 22.54 10.69
N VAL A 100 8.77 23.40 11.70
CA VAL A 100 9.15 24.79 11.50
C VAL A 100 10.45 24.87 10.70
N GLN A 101 10.60 25.95 9.93
CA GLN A 101 11.74 26.11 9.03
C GLN A 101 13.08 26.01 9.73
N ASP A 102 13.15 26.55 10.95
CA ASP A 102 14.34 26.46 11.78
C ASP A 102 14.74 25.01 12.05
N ASP A 103 13.75 24.12 12.09
CA ASP A 103 13.95 22.77 12.60
C ASP A 103 14.45 21.75 11.59
N PRO A 104 14.96 20.61 12.07
CA PRO A 104 15.18 19.45 11.20
C PRO A 104 13.87 19.07 10.53
N LEU A 105 13.95 18.68 9.27
CA LEU A 105 12.78 18.37 8.47
C LEU A 105 11.92 17.30 9.12
N CYS A 106 10.61 17.49 9.09
CA CYS A 106 9.69 16.45 9.50
C CYS A 106 8.35 16.60 8.79
N MET A 107 7.67 15.47 8.62
CA MET A 107 6.32 15.44 8.09
C MET A 107 5.44 14.79 9.11
N ILE A 108 4.25 15.33 9.31
CA ILE A 108 3.34 14.81 10.33
C ILE A 108 2.08 14.30 9.68
N THR A 109 1.67 13.09 10.04
CA THR A 109 0.40 12.56 9.59
C THR A 109 -0.34 11.89 10.75
N ASP A 110 -1.58 11.47 10.50
CA ASP A 110 -2.35 10.77 11.52
C ASP A 110 -1.67 9.46 11.93
N TYR A 111 -1.72 9.15 13.21
CA TYR A 111 -1.30 7.84 13.65
C TYR A 111 -2.41 6.84 13.42
N MET A 112 -2.15 5.83 12.60
CA MET A 112 -3.15 4.82 12.32
C MET A 112 -2.98 3.69 13.31
N GLU A 113 -3.93 3.58 14.23
CA GLU A 113 -3.68 2.85 15.46
C GLU A 113 -3.65 1.33 15.31
N ASN A 114 -4.14 0.80 14.19
CA ASN A 114 -4.11 -0.64 14.01
C ASN A 114 -3.04 -1.11 13.03
N GLY A 115 -2.14 -0.20 12.69
CA GLY A 115 -0.94 -0.60 11.98
C GLY A 115 -1.15 -0.87 10.50
N ASP A 116 -0.18 -1.52 9.87
CA ASP A 116 -0.35 -1.75 8.44
C ASP A 116 -1.34 -2.91 8.24
N LEU A 117 -1.95 -2.92 7.07
CA LEU A 117 -3.02 -3.88 6.78
C LEU A 117 -2.54 -5.31 6.76
N ASN A 118 -1.29 -5.52 6.35
CA ASN A 118 -0.76 -6.87 6.28
C ASN A 118 -0.69 -7.47 7.69
N GLN A 119 -0.06 -6.73 8.60
CA GLN A 119 0.01 -7.16 10.01
C GLN A 119 -1.37 -7.31 10.65
N PHE A 120 -2.27 -6.39 10.37
CA PHE A 120 -3.60 -6.40 10.96
C PHE A 120 -4.39 -7.63 10.52
N LEU A 121 -4.45 -7.86 9.21
CA LEU A 121 -5.26 -8.96 8.69
C LEU A 121 -4.68 -10.31 9.05
N SER A 122 -3.35 -10.41 9.04
CA SER A 122 -2.61 -11.65 9.31
C SER A 122 -2.99 -12.28 10.63
N ALA A 123 -3.42 -11.44 11.56
CA ALA A 123 -3.85 -11.88 12.89
C ALA A 123 -5.18 -12.63 12.86
N HIS A 124 -6.00 -12.31 11.87
CA HIS A 124 -7.38 -12.81 11.81
C HIS A 124 -7.50 -14.06 10.96
N GLN A 125 -8.58 -14.81 11.19
CA GLN A 125 -8.99 -15.85 10.27
C GLN A 125 -10.37 -15.49 9.76
N LEU A 126 -10.78 -16.09 8.63
CA LEU A 126 -12.12 -15.87 8.09
C LEU A 126 -13.12 -16.45 9.08
N GLU A 127 -14.19 -15.70 9.33
CA GLU A 127 -15.30 -16.19 10.13
C GLU A 127 -15.78 -17.56 9.68
N ASP A 128 -15.94 -18.47 10.64
CA ASP A 128 -16.52 -19.79 10.35
C ASP A 128 -18.03 -19.71 10.44
N LYS A 129 -18.71 -19.91 9.32
CA LYS A 129 -20.16 -19.82 9.28
C LYS A 129 -20.83 -20.82 10.23
N ALA A 130 -20.15 -21.94 10.48
CA ALA A 130 -20.63 -22.91 11.47
C ALA A 130 -19.96 -22.64 12.81
N ASP A 137 -9.99 -14.95 20.07
CA ASP A 137 -9.70 -15.43 18.73
C ASP A 137 -10.31 -14.53 17.65
N PRO A 138 -9.49 -13.60 17.13
CA PRO A 138 -9.98 -12.61 16.16
C PRO A 138 -10.36 -13.22 14.80
N THR A 139 -11.57 -12.92 14.36
CA THR A 139 -12.02 -13.35 13.04
C THR A 139 -12.59 -12.16 12.28
N ILE A 140 -12.70 -12.31 10.96
CA ILE A 140 -13.17 -11.24 10.11
C ILE A 140 -14.11 -11.85 9.07
N SER A 141 -15.18 -11.13 8.72
CA SER A 141 -16.15 -11.66 7.78
C SER A 141 -15.78 -11.34 6.34
N TYR A 142 -16.32 -12.13 5.42
CA TYR A 142 -16.13 -11.87 4.01
C TYR A 142 -16.65 -10.45 3.63
N PRO A 143 -17.80 -10.03 4.18
CA PRO A 143 -18.19 -8.65 3.80
C PRO A 143 -17.22 -7.58 4.29
N MET A 144 -16.55 -7.83 5.40
CA MET A 144 -15.58 -6.88 5.90
C MET A 144 -14.35 -6.89 4.98
N LEU A 145 -13.99 -8.07 4.47
CA LEU A 145 -12.91 -8.10 3.48
C LEU A 145 -13.27 -7.24 2.26
N LEU A 146 -14.51 -7.34 1.78
CA LEU A 146 -14.97 -6.49 0.67
C LEU A 146 -14.89 -5.01 1.03
N HIS A 147 -15.28 -4.67 2.26
CA HIS A 147 -15.25 -3.29 2.71
C HIS A 147 -13.81 -2.75 2.73
N VAL A 148 -12.88 -3.55 3.20
CA VAL A 148 -11.47 -3.17 3.19
C VAL A 148 -10.99 -2.92 1.75
N ALA A 149 -11.26 -3.88 0.89
CA ALA A 149 -10.83 -3.76 -0.51
C ALA A 149 -11.47 -2.56 -1.21
N ALA A 150 -12.75 -2.33 -0.94
CA ALA A 150 -13.47 -1.21 -1.55
C ALA A 150 -12.85 0.12 -1.18
N GLN A 151 -12.42 0.24 0.07
CA GLN A 151 -11.78 1.47 0.52
C GLN A 151 -10.46 1.69 -0.19
N ILE A 152 -9.71 0.63 -0.40
CA ILE A 152 -8.46 0.72 -1.17
C ILE A 152 -8.81 1.16 -2.61
N ALA A 153 -9.82 0.56 -3.20
CA ALA A 153 -10.21 0.93 -4.57
C ALA A 153 -10.62 2.41 -4.64
N SER A 154 -11.26 2.91 -3.59
CA SER A 154 -11.69 4.30 -3.57
C SER A 154 -10.50 5.25 -3.51
N GLY A 155 -9.53 4.92 -2.66
CA GLY A 155 -8.29 5.68 -2.63
C GLY A 155 -7.59 5.68 -3.97
N MET A 156 -7.52 4.51 -4.60
CA MET A 156 -6.85 4.43 -5.90
C MET A 156 -7.61 5.16 -7.00
N ARG A 157 -8.94 5.11 -6.95
CA ARG A 157 -9.80 5.91 -7.82
C ARG A 157 -9.41 7.39 -7.77
N TYR A 158 -9.21 7.89 -6.55
CA TYR A 158 -8.84 9.28 -6.34
C TYR A 158 -7.46 9.56 -6.95
N LEU A 159 -6.50 8.68 -6.69
CA LEU A 159 -5.17 8.89 -7.24
C LEU A 159 -5.25 8.92 -8.76
N ALA A 160 -6.11 8.06 -9.31
CA ALA A 160 -6.28 8.01 -10.76
C ALA A 160 -6.81 9.33 -11.30
N THR A 161 -7.66 10.01 -10.52
CA THR A 161 -8.20 11.30 -11.00
C THR A 161 -7.10 12.36 -11.01
N LEU A 162 -6.09 12.19 -10.16
CA LEU A 162 -4.97 13.13 -10.14
C LEU A 162 -3.89 12.76 -11.14
N ASN A 163 -4.12 11.67 -11.89
CA ASN A 163 -3.14 11.06 -12.78
C ASN A 163 -1.86 10.76 -12.04
N PHE A 164 -2.01 10.30 -10.82
CA PHE A 164 -0.87 9.98 -9.98
C PHE A 164 -0.72 8.47 -9.91
N VAL A 165 0.46 7.98 -10.27
CA VAL A 165 0.77 6.55 -10.26
C VAL A 165 1.51 6.19 -8.97
N HIS A 166 0.95 5.23 -8.23
CA HIS A 166 1.46 4.85 -6.92
C HIS A 166 2.82 4.13 -7.01
N ARG A 167 2.85 3.09 -7.86
CA ARG A 167 4.04 2.28 -8.17
C ARG A 167 4.34 1.17 -7.13
N ASP A 168 3.72 1.21 -5.95
CA ASP A 168 4.03 0.18 -4.94
C ASP A 168 2.82 -0.13 -4.04
N LEU A 169 1.67 -0.32 -4.67
CA LEU A 169 0.47 -0.67 -3.92
C LEU A 169 0.55 -2.13 -3.44
N ALA A 170 0.32 -2.34 -2.14
CA ALA A 170 0.35 -3.66 -1.52
C ALA A 170 -0.22 -3.50 -0.12
N THR A 171 -0.60 -4.59 0.53
CA THR A 171 -1.21 -4.41 1.84
C THR A 171 -0.22 -3.86 2.89
N ARG A 172 1.07 -4.05 2.68
CA ARG A 172 2.06 -3.48 3.60
C ARG A 172 2.07 -1.96 3.56
N ASN A 173 1.53 -1.38 2.49
CA ASN A 173 1.44 0.08 2.32
C ASN A 173 0.05 0.62 2.59
N CYS A 174 -0.83 -0.20 3.13
CA CYS A 174 -2.11 0.32 3.56
C CYS A 174 -2.12 0.33 5.08
N LEU A 175 -2.77 1.34 5.64
CA LEU A 175 -2.81 1.52 7.09
C LEU A 175 -4.22 1.41 7.60
N VAL A 176 -4.36 0.91 8.81
CA VAL A 176 -5.67 0.65 9.40
C VAL A 176 -5.89 1.55 10.60
N GLY A 177 -6.98 2.31 10.56
CA GLY A 177 -7.33 3.15 11.70
C GLY A 177 -8.42 2.52 12.55
N GLU A 178 -9.28 3.35 13.13
CA GLU A 178 -10.41 2.84 13.90
C GLU A 178 -11.52 2.33 12.97
N ASN A 179 -12.29 1.35 13.43
CA ASN A 179 -13.48 0.87 12.72
C ASN A 179 -13.15 0.42 11.29
N PHE A 180 -12.03 -0.27 11.14
CA PHE A 180 -11.59 -0.82 9.87
C PHE A 180 -11.45 0.21 8.75
N THR A 181 -11.21 1.46 9.13
CA THR A 181 -10.90 2.49 8.16
C THR A 181 -9.52 2.24 7.54
N ILE A 182 -9.42 2.37 6.22
CA ILE A 182 -8.19 2.10 5.50
C ILE A 182 -7.66 3.34 4.79
N LYS A 183 -6.37 3.60 4.94
CA LYS A 183 -5.72 4.66 4.17
C LYS A 183 -4.48 4.14 3.45
N ILE A 184 -4.34 4.50 2.16
CA ILE A 184 -3.18 4.11 1.37
C ILE A 184 -2.02 5.02 1.67
N ALA A 185 -0.84 4.42 1.86
CA ALA A 185 0.37 5.18 2.05
C ALA A 185 1.43 4.66 1.06
N ASP A 186 2.65 5.15 1.18
CA ASP A 186 3.78 4.64 0.40
C ASP A 186 5.02 4.91 1.21
N PHE A 187 5.44 3.94 2.00
CA PHE A 187 6.49 4.18 2.98
C PHE A 187 7.15 2.89 3.42
N GLY A 188 8.21 3.02 4.20
CA GLY A 188 8.81 1.91 4.90
C GLY A 188 9.33 0.78 4.02
N MET A 189 9.96 1.15 2.91
CA MET A 189 10.47 0.17 1.95
C MET A 189 11.57 -0.69 2.58
N SER A 190 12.20 -0.17 3.63
CA SER A 190 13.29 -0.90 4.29
C SER A 190 12.86 -1.65 5.55
N ARG A 191 11.55 -1.74 5.80
CA ARG A 191 11.05 -2.55 6.91
C ARG A 191 11.52 -4.00 6.78
N ASN A 192 12.16 -4.53 7.81
CA ASN A 192 12.70 -5.89 7.72
C ASN A 192 11.60 -6.91 7.54
N LEU A 193 10.41 -6.59 8.05
CA LEU A 193 9.26 -7.48 7.92
C LEU A 193 8.90 -7.80 6.47
N TYR A 194 9.23 -6.88 5.56
CA TYR A 194 8.81 -7.03 4.17
C TYR A 194 10.00 -7.11 3.21
N ALA A 195 11.16 -7.48 3.76
CA ALA A 195 12.38 -7.56 2.95
C ALA A 195 12.20 -8.49 1.74
N GLY A 196 11.44 -9.57 1.93
CA GLY A 196 11.26 -10.53 0.86
C GLY A 196 10.34 -10.08 -0.25
N ASP A 197 9.68 -8.93 -0.05
CA ASP A 197 8.78 -8.40 -1.06
C ASP A 197 9.49 -7.54 -2.09
N TYR A 198 10.79 -7.33 -1.91
CA TYR A 198 11.50 -6.47 -2.83
C TYR A 198 12.68 -7.18 -3.44
N TYR A 199 12.83 -7.00 -4.74
CA TYR A 199 13.91 -7.60 -5.50
C TYR A 199 15.04 -6.59 -5.66
N ARG A 200 16.19 -6.88 -5.07
CA ARG A 200 17.31 -5.96 -5.03
CA ARG A 200 17.30 -5.95 -5.03
C ARG A 200 18.48 -6.44 -5.88
N VAL A 201 18.91 -5.59 -6.80
CA VAL A 201 20.06 -5.86 -7.66
C VAL A 201 20.96 -4.64 -7.54
N GLN A 202 22.26 -4.84 -7.41
CA GLN A 202 23.15 -3.70 -7.22
C GLN A 202 23.04 -2.76 -8.43
N GLY A 203 22.85 -1.47 -8.16
CA GLY A 203 22.77 -0.48 -9.22
C GLY A 203 21.39 -0.29 -9.81
N ARG A 204 20.41 -1.02 -9.28
CA ARG A 204 19.04 -0.95 -9.77
C ARG A 204 18.07 -0.49 -8.68
N ALA A 205 16.91 -0.01 -9.11
CA ALA A 205 15.85 0.36 -8.19
C ALA A 205 15.40 -0.89 -7.45
N VAL A 206 14.87 -0.70 -6.24
CA VAL A 206 14.32 -1.77 -5.42
C VAL A 206 12.90 -2.04 -5.92
N LEU A 207 12.62 -3.25 -6.40
CA LEU A 207 11.36 -3.51 -7.11
C LEU A 207 10.46 -4.54 -6.46
N PRO A 208 9.18 -4.21 -6.28
CA PRO A 208 8.23 -5.18 -5.72
C PRO A 208 7.67 -6.12 -6.80
N ILE A 209 8.49 -7.02 -7.31
CA ILE A 209 8.17 -7.71 -8.56
C ILE A 209 6.92 -8.57 -8.48
N ARG A 210 6.56 -9.05 -7.29
CA ARG A 210 5.40 -9.93 -7.20
C ARG A 210 4.08 -9.17 -7.33
N TRP A 211 4.16 -7.85 -7.22
CA TRP A 211 3.01 -6.98 -7.39
C TRP A 211 2.99 -6.29 -8.75
N MET A 212 4.03 -6.47 -9.56
CA MET A 212 4.21 -5.69 -10.77
C MET A 212 3.65 -6.35 -12.02
N ALA A 213 2.95 -5.55 -12.82
CA ALA A 213 2.49 -5.97 -14.13
C ALA A 213 3.68 -6.35 -15.01
N TRP A 214 3.42 -7.18 -16.00
CA TRP A 214 4.51 -7.67 -16.84
C TRP A 214 5.26 -6.53 -17.52
N GLU A 215 4.55 -5.48 -17.96
CA GLU A 215 5.22 -4.39 -18.64
C GLU A 215 6.06 -3.53 -17.69
N CYS A 216 5.76 -3.58 -16.38
CA CYS A 216 6.62 -2.88 -15.41
C CYS A 216 7.96 -3.58 -15.27
N ILE A 217 7.90 -4.90 -15.19
CA ILE A 217 9.10 -5.71 -15.03
C ILE A 217 9.97 -5.59 -16.28
N LEU A 218 9.35 -5.74 -17.44
CA LEU A 218 10.11 -5.81 -18.69
C LEU A 218 10.57 -4.44 -19.21
N MET A 219 9.72 -3.43 -19.12
CA MET A 219 9.99 -2.12 -19.73
C MET A 219 10.07 -0.96 -18.72
N GLY A 220 9.78 -1.22 -17.46
CA GLY A 220 9.74 -0.15 -16.48
C GLY A 220 8.60 0.83 -16.71
N LYS A 221 7.54 0.37 -17.39
CA LYS A 221 6.38 1.21 -17.63
C LYS A 221 5.37 1.11 -16.49
N PHE A 222 5.32 2.14 -15.66
CA PHE A 222 4.35 2.23 -14.58
C PHE A 222 3.26 3.21 -14.96
N THR A 223 2.01 2.75 -14.86
CA THR A 223 0.85 3.55 -15.29
C THR A 223 -0.29 3.27 -14.35
N THR A 224 -1.41 3.96 -14.52
CA THR A 224 -2.61 3.64 -13.75
C THR A 224 -2.99 2.19 -13.99
N ALA A 225 -2.84 1.71 -15.22
CA ALA A 225 -3.19 0.33 -15.55
C ALA A 225 -2.30 -0.66 -14.80
N SER A 226 -1.05 -0.31 -14.54
CA SER A 226 -0.25 -1.22 -13.74
C SER A 226 -0.61 -1.06 -12.26
N ASP A 227 -1.14 0.09 -11.87
CA ASP A 227 -1.67 0.21 -10.49
C ASP A 227 -2.88 -0.71 -10.36
N VAL A 228 -3.68 -0.83 -11.41
CA VAL A 228 -4.81 -1.78 -11.39
C VAL A 228 -4.33 -3.24 -11.20
N TRP A 229 -3.27 -3.62 -11.91
CA TRP A 229 -2.67 -4.95 -11.73
C TRP A 229 -2.27 -5.16 -10.26
N ALA A 230 -1.55 -4.20 -9.71
CA ALA A 230 -1.11 -4.28 -8.32
C ALA A 230 -2.29 -4.33 -7.38
N PHE A 231 -3.37 -3.63 -7.74
CA PHE A 231 -4.59 -3.71 -6.93
C PHE A 231 -5.16 -5.12 -6.93
N GLY A 232 -5.16 -5.74 -8.11
CA GLY A 232 -5.57 -7.14 -8.19
C GLY A 232 -4.78 -7.99 -7.21
N VAL A 233 -3.46 -7.81 -7.17
CA VAL A 233 -2.61 -8.59 -6.27
C VAL A 233 -2.93 -8.22 -4.82
N THR A 234 -3.13 -6.93 -4.55
CA THR A 234 -3.49 -6.47 -3.20
C THR A 234 -4.82 -7.08 -2.76
N LEU A 235 -5.77 -7.17 -3.68
CA LEU A 235 -7.06 -7.79 -3.39
C LEU A 235 -6.88 -9.26 -3.08
N TRP A 236 -6.03 -9.92 -3.86
CA TRP A 236 -5.67 -11.31 -3.58
C TRP A 236 -5.11 -11.44 -2.16
N GLU A 237 -4.21 -10.53 -1.77
CA GLU A 237 -3.66 -10.58 -0.42
C GLU A 237 -4.76 -10.48 0.61
N VAL A 238 -5.68 -9.54 0.42
CA VAL A 238 -6.77 -9.33 1.39
C VAL A 238 -7.60 -10.60 1.52
N LEU A 239 -7.92 -11.23 0.40
CA LEU A 239 -8.75 -12.43 0.44
C LEU A 239 -7.98 -13.64 0.96
N MET A 240 -6.66 -13.54 0.99
CA MET A 240 -5.82 -14.58 1.60
C MET A 240 -5.59 -14.28 3.08
N LEU A 241 -6.23 -13.22 3.57
CA LEU A 241 -6.02 -12.67 4.92
C LEU A 241 -4.55 -12.38 5.23
N CYS A 242 -3.81 -12.05 4.17
CA CYS A 242 -2.40 -11.68 4.23
C CYS A 242 -1.53 -12.74 4.88
N ARG A 243 -1.89 -14.00 4.65
CA ARG A 243 -1.19 -15.13 5.27
C ARG A 243 -0.27 -15.81 4.27
N ALA A 244 -0.16 -15.27 3.06
CA ALA A 244 0.73 -15.82 2.05
C ALA A 244 1.26 -14.75 1.12
N GLN A 245 2.47 -14.92 0.63
CA GLN A 245 3.07 -14.01 -0.34
C GLN A 245 2.59 -14.36 -1.75
N PRO A 246 2.26 -13.36 -2.58
CA PRO A 246 1.92 -13.62 -3.98
C PRO A 246 3.03 -14.45 -4.66
N PHE A 247 2.64 -15.52 -5.37
CA PHE A 247 3.57 -16.45 -6.02
C PHE A 247 4.57 -17.02 -5.03
N GLY A 248 4.13 -17.20 -3.79
CA GLY A 248 5.01 -17.53 -2.70
C GLY A 248 5.93 -18.74 -2.87
N GLN A 249 5.50 -19.71 -3.67
CA GLN A 249 6.29 -20.93 -3.88
C GLN A 249 7.24 -20.82 -5.08
N LEU A 250 7.18 -19.69 -5.80
CA LEU A 250 8.08 -19.44 -6.93
C LEU A 250 9.22 -18.51 -6.53
N THR A 251 10.37 -18.69 -7.17
CA THR A 251 11.51 -17.83 -6.92
C THR A 251 11.30 -16.48 -7.57
N ASP A 252 12.07 -15.49 -7.13
CA ASP A 252 12.10 -14.18 -7.78
C ASP A 252 12.35 -14.35 -9.28
N GLU A 253 13.29 -15.22 -9.62
CA GLU A 253 13.66 -15.43 -11.01
C GLU A 253 12.48 -16.01 -11.81
N GLN A 254 11.70 -16.88 -11.18
CA GLN A 254 10.52 -17.44 -11.84
C GLN A 254 9.42 -16.39 -12.04
N VAL A 255 9.31 -15.46 -11.10
CA VAL A 255 8.32 -14.40 -11.20
C VAL A 255 8.71 -13.49 -12.37
N ILE A 256 10.01 -13.22 -12.50
CA ILE A 256 10.47 -12.35 -13.59
C ILE A 256 10.27 -13.05 -14.93
N GLU A 257 10.55 -14.35 -14.97
CA GLU A 257 10.36 -15.10 -16.21
C GLU A 257 8.88 -15.16 -16.60
N ASN A 258 8.00 -15.18 -15.61
CA ASN A 258 6.56 -15.19 -15.87
C ASN A 258 6.12 -13.93 -16.63
N ALA A 259 6.72 -12.78 -16.31
CA ALA A 259 6.46 -11.55 -17.04
C ALA A 259 6.79 -11.75 -18.51
N GLY A 260 7.88 -12.48 -18.76
CA GLY A 260 8.25 -12.82 -20.12
C GLY A 260 7.19 -13.65 -20.81
N GLU A 261 6.55 -14.54 -20.07
CA GLU A 261 5.51 -15.37 -20.65
C GLU A 261 4.25 -14.57 -20.96
N PHE A 262 3.98 -13.53 -20.17
CA PHE A 262 2.90 -12.60 -20.50
C PHE A 262 3.18 -11.88 -21.81
N PHE A 263 4.43 -11.46 -21.97
CA PHE A 263 4.84 -10.76 -23.18
C PHE A 263 4.72 -11.66 -24.41
N ARG A 264 5.16 -12.90 -24.28
CA ARG A 264 5.16 -13.81 -25.42
C ARG A 264 3.75 -14.26 -25.75
N ASP A 265 2.90 -14.33 -24.73
CA ASP A 265 1.48 -14.66 -24.89
C ASP A 265 1.25 -15.96 -25.66
N GLN A 266 1.94 -17.02 -25.24
CA GLN A 266 1.73 -18.36 -25.80
C GLN A 266 0.93 -19.23 -24.83
N GLY A 267 0.26 -18.58 -23.88
CA GLY A 267 -0.59 -19.28 -22.92
C GLY A 267 0.15 -20.04 -21.84
N ARG A 268 1.38 -19.64 -21.56
CA ARG A 268 2.17 -20.32 -20.56
C ARG A 268 2.37 -19.45 -19.32
N GLN A 269 1.78 -18.25 -19.34
CA GLN A 269 1.88 -17.38 -18.16
C GLN A 269 1.04 -17.98 -17.04
N VAL A 270 1.38 -17.69 -15.77
CA VAL A 270 0.57 -18.15 -14.66
C VAL A 270 0.05 -16.99 -13.80
N TYR A 271 -1.02 -17.29 -13.06
CA TYR A 271 -1.73 -16.30 -12.24
C TYR A 271 -1.76 -16.76 -10.79
N LEU A 272 -1.96 -15.81 -9.90
CA LEU A 272 -2.32 -16.12 -8.52
C LEU A 272 -3.57 -16.97 -8.50
N SER A 273 -3.61 -17.94 -7.59
CA SER A 273 -4.75 -18.86 -7.51
C SER A 273 -5.93 -18.23 -6.79
N ARG A 274 -7.12 -18.80 -6.96
CA ARG A 274 -8.29 -18.27 -6.26
C ARG A 274 -8.20 -18.56 -4.76
N PRO A 275 -8.22 -17.51 -3.92
CA PRO A 275 -8.23 -17.76 -2.47
C PRO A 275 -9.50 -18.49 -2.02
N PRO A 276 -9.38 -19.32 -0.98
CA PRO A 276 -10.55 -20.02 -0.47
C PRO A 276 -11.69 -19.10 -0.04
N ALA A 277 -11.37 -17.90 0.41
CA ALA A 277 -12.40 -16.93 0.84
C ALA A 277 -13.01 -16.16 -0.34
N CYS A 278 -12.52 -16.42 -1.55
CA CYS A 278 -12.90 -15.68 -2.75
C CYS A 278 -13.85 -16.47 -3.64
N PRO A 279 -15.09 -15.98 -3.79
CA PRO A 279 -16.07 -16.52 -4.73
C PRO A 279 -15.59 -16.38 -6.17
N GLN A 280 -16.02 -17.26 -7.07
CA GLN A 280 -15.56 -17.21 -8.47
C GLN A 280 -15.80 -15.85 -9.12
N GLY A 281 -16.92 -15.20 -8.80
CA GLY A 281 -17.21 -13.90 -9.37
C GLY A 281 -16.16 -12.85 -9.06
N LEU A 282 -15.71 -12.84 -7.82
CA LEU A 282 -14.67 -11.89 -7.41
C LEU A 282 -13.34 -12.28 -8.06
N TYR A 283 -13.09 -13.59 -8.19
CA TYR A 283 -11.84 -14.04 -8.80
C TYR A 283 -11.76 -13.60 -10.25
N GLU A 284 -12.87 -13.66 -10.97
CA GLU A 284 -12.90 -13.25 -12.37
C GLU A 284 -12.52 -11.78 -12.50
N LEU A 285 -12.94 -10.98 -11.52
CA LEU A 285 -12.57 -9.57 -11.46
C LEU A 285 -11.06 -9.42 -11.29
N MET A 286 -10.47 -10.21 -10.42
CA MET A 286 -9.05 -10.15 -10.23
C MET A 286 -8.35 -10.52 -11.54
N LEU A 287 -8.88 -11.53 -12.22
CA LEU A 287 -8.24 -11.96 -13.46
C LEU A 287 -8.25 -10.83 -14.51
N ARG A 288 -9.31 -10.02 -14.53
CA ARG A 288 -9.37 -8.85 -15.42
C ARG A 288 -8.28 -7.84 -15.08
N CYS A 289 -7.95 -7.71 -13.80
CA CYS A 289 -6.86 -6.83 -13.42
C CYS A 289 -5.50 -7.28 -13.99
N TRP A 290 -5.39 -8.56 -14.35
CA TRP A 290 -4.11 -9.10 -14.81
C TRP A 290 -4.15 -9.38 -16.31
N SER A 291 -5.07 -8.70 -17.00
CA SER A 291 -5.16 -8.76 -18.47
C SER A 291 -3.82 -8.38 -19.06
N ARG A 292 -3.39 -9.09 -20.10
CA ARG A 292 -2.12 -8.74 -20.72
C ARG A 292 -2.15 -7.29 -21.23
N GLU A 293 -3.22 -6.93 -21.91
CA GLU A 293 -3.33 -5.58 -22.45
C GLU A 293 -3.79 -4.58 -21.39
N SER A 294 -3.00 -3.55 -21.19
CA SER A 294 -3.28 -2.55 -20.17
C SER A 294 -4.68 -1.98 -20.32
N GLU A 295 -5.09 -1.74 -21.57
CA GLU A 295 -6.37 -1.10 -21.84
C GLU A 295 -7.57 -1.98 -21.43
N GLN A 296 -7.35 -3.28 -21.30
CA GLN A 296 -8.41 -4.23 -20.96
C GLN A 296 -8.63 -4.38 -19.44
N ARG A 297 -7.70 -3.86 -18.63
CA ARG A 297 -7.87 -3.90 -17.19
C ARG A 297 -8.95 -2.91 -16.77
N PRO A 298 -9.75 -3.26 -15.76
CA PRO A 298 -10.85 -2.38 -15.38
C PRO A 298 -10.37 -1.09 -14.72
N PRO A 299 -11.12 0.00 -14.87
CA PRO A 299 -10.76 1.21 -14.14
C PRO A 299 -11.13 1.11 -12.67
N PHE A 300 -10.50 1.92 -11.84
CA PHE A 300 -10.77 1.85 -10.41
C PHE A 300 -12.22 2.19 -10.05
N SER A 301 -12.85 3.02 -10.86
CA SER A 301 -14.26 3.37 -10.64
C SER A 301 -15.12 2.14 -10.74
N GLN A 302 -14.76 1.27 -11.67
CA GLN A 302 -15.47 0.02 -11.92
C GLN A 302 -15.19 -0.95 -10.80
N LEU A 303 -13.91 -1.05 -10.41
CA LEU A 303 -13.51 -1.94 -9.33
C LEU A 303 -14.24 -1.59 -8.04
N HIS A 304 -14.34 -0.30 -7.78
CA HIS A 304 -14.96 0.16 -6.55
C HIS A 304 -16.44 -0.21 -6.50
N ARG A 305 -17.13 0.04 -7.60
CA ARG A 305 -18.55 -0.29 -7.70
C ARG A 305 -18.77 -1.78 -7.50
N PHE A 306 -17.94 -2.61 -8.13
CA PHE A 306 -18.09 -4.06 -7.96
C PHE A 306 -17.92 -4.46 -6.50
N LEU A 307 -16.89 -3.95 -5.85
CA LEU A 307 -16.57 -4.34 -4.48
C LEU A 307 -17.59 -3.81 -3.47
N ALA A 308 -18.17 -2.66 -3.80
CA ALA A 308 -19.15 -2.04 -2.90
C ALA A 308 -20.57 -2.57 -3.11
N GLU A 309 -20.85 -3.04 -4.33
CA GLU A 309 -22.21 -3.44 -4.70
C GLU A 309 -22.32 -4.90 -5.15
N ASP A 310 -21.91 -5.15 -6.38
CA ASP A 310 -22.10 -6.44 -7.02
C ASP A 310 -21.56 -7.59 -6.21
N ALA A 311 -20.44 -7.37 -5.53
CA ALA A 311 -19.80 -8.43 -4.78
C ALA A 311 -20.68 -8.89 -3.62
N LEU A 312 -21.64 -8.07 -3.23
CA LEU A 312 -22.50 -8.40 -2.10
C LEU A 312 -23.49 -9.53 -2.35
N ASN A 313 -23.79 -9.83 -3.61
CA ASN A 313 -24.75 -10.90 -3.88
C ASN A 313 -24.05 -12.25 -3.90
N THR A 314 -22.75 -12.23 -3.65
CA THR A 314 -21.95 -13.45 -3.59
C THR A 314 -21.05 -13.41 -2.35
I IOD B . 9.79 5.77 5.69
I IOD C . 2.71 -20.19 -6.23
I IOD D . 11.11 -0.43 11.06
I IOD E . -14.81 -4.85 -12.60
I IOD F . -8.14 -17.91 7.48
C10 1K2 G . 2.45 8.65 -1.70
C11 1K2 G . 3.89 8.33 3.30
O12 1K2 G . 3.33 7.31 2.86
C13 1K2 G . 4.07 8.53 4.77
C15 1K2 G . 4.34 9.87 6.70
C16 1K2 G . 4.10 8.79 7.52
C17 1K2 G . 3.87 7.55 6.95
C18 1K2 G . 3.66 6.36 7.84
C20 1K2 G . 2.13 5.86 9.61
C21 1K2 G . 2.77 4.64 9.70
C22 1K2 G . 2.24 3.73 10.61
C23 1K2 G . 1.09 4.14 11.37
C25 1K2 G . 1.65 2.06 12.04
C26 1K2 G . 2.57 2.41 11.06
C28 1K2 G . 0.99 6.17 10.40
N1 1K2 G . 4.34 9.29 2.42
C2 1K2 G . 4.12 9.09 1.02
C3 1K2 G . 2.80 9.68 0.49
C4 1K2 G . 4.13 10.26 0.05
C5 1K2 G . 1.98 8.87 -0.43
C6 1K2 G . 0.76 8.35 -0.03
C7 1K2 G . 0.00 7.62 -0.93
C8 1K2 G . 0.48 7.40 -2.23
C9 1K2 G . 1.71 7.91 -2.61
C14 1K2 G . 4.34 9.79 5.32
O19 1K2 G . 2.63 6.79 8.73
N24 1K2 G . 0.74 3.11 12.24
N27 1K2 G . 0.46 5.34 11.28
C29 1K2 G . 3.85 7.43 5.58
CL30 1K2 G . 4.59 11.41 7.46
#